data_4MWZ
#
_entry.id   4MWZ
#
_cell.length_a   37.440
_cell.length_b   86.620
_cell.length_c   78.270
_cell.angle_alpha   90.000
_cell.angle_beta   103.230
_cell.angle_gamma   90.000
#
_symmetry.space_group_name_H-M   'P 1 21 1'
#
loop_
_entity.id
_entity.type
_entity.pdbx_description
1 polymer 'Phosphoethanolamine N-methyltransferase, putative'
2 non-polymer S-ADENOSYLMETHIONINE
3 non-polymer 'PHOSPHATE ION'
4 non-polymer BETA-MERCAPTOETHANOL
5 non-polymer 4-[(7-CHLOROQUINOLIN-4-YL)AMINO]-2-[(DIETHYLAMINO)METHYL]PHENOL
6 water water
#
_entity_poly.entity_id   1
_entity_poly.type   'polypeptide(L)'
_entity_poly.pdbx_seq_one_letter_code
;GSHMISEPVDIKYLENNQYSDEGIKAYEFIFGEDYISSGGIIATTKILSDIQLDANSKVLDIGSGLGGGCKYINEKYGAH
VHGVDICEKMVTIAKLRNQDKAKIEFEAKDILKKDFPESTFDMIYSRDSILHLSYADKKMLFEKCYKWLKPNGILLITDY
CADKIENWDEEFKAYIKKRKYTLMPIQEYGDLIKSCKFQNVEAKDISDYWLELLQLELSKLEEKKEEFLKVYSIKEYNSL
KDGWTRKIKDTKRDLQKWGYFKAQKMI
;
_entity_poly.pdbx_strand_id   A,B
#
# COMPACT_ATOMS: atom_id res chain seq x y z
N LYS A 12 17.07 -1.74 35.09
CA LYS A 12 17.35 -3.12 35.49
C LYS A 12 16.29 -4.06 34.93
N TYR A 13 15.93 -3.85 33.67
CA TYR A 13 14.90 -4.66 33.07
C TYR A 13 15.51 -5.40 31.90
N LEU A 14 14.89 -6.50 31.51
CA LEU A 14 15.33 -7.23 30.34
C LEU A 14 14.56 -6.71 29.14
N GLU A 15 15.22 -5.98 28.27
CA GLU A 15 14.54 -5.50 27.07
C GLU A 15 14.90 -6.40 25.91
N ASN A 16 13.88 -6.80 25.16
CA ASN A 16 14.12 -7.53 23.93
C ASN A 16 15.04 -6.73 23.02
N ASN A 17 15.96 -7.41 22.35
CA ASN A 17 16.82 -6.73 21.42
C ASN A 17 16.05 -6.32 20.17
N GLN A 18 16.65 -5.44 19.39
CA GLN A 18 15.98 -4.81 18.25
C GLN A 18 15.30 -5.80 17.30
N TYR A 19 16.01 -6.88 16.96
CA TYR A 19 15.44 -7.83 16.02
C TYR A 19 14.97 -9.09 16.71
N SER A 20 14.37 -8.91 17.88
CA SER A 20 13.68 -10.00 18.56
C SER A 20 12.53 -10.44 17.68
N ASP A 21 11.98 -11.62 17.99
CA ASP A 21 10.90 -12.18 17.19
C ASP A 21 9.76 -11.16 17.06
N GLU A 22 9.39 -10.56 18.18
CA GLU A 22 8.28 -9.63 18.21
C GLU A 22 8.70 -8.28 17.62
N GLY A 23 9.96 -7.91 17.84
CA GLY A 23 10.46 -6.65 17.30
C GLY A 23 10.40 -6.58 15.78
N ILE A 24 10.79 -7.66 15.12
CA ILE A 24 10.75 -7.68 13.67
C ILE A 24 9.32 -7.50 13.15
N LYS A 25 8.38 -8.18 13.79
CA LYS A 25 6.98 -8.11 13.36
C LYS A 25 6.44 -6.70 13.59
N ALA A 26 6.78 -6.12 14.74
CA ALA A 26 6.34 -4.77 15.05
C ALA A 26 6.91 -3.73 14.07
N TYR A 27 8.17 -3.88 13.69
CA TYR A 27 8.75 -3.00 12.67
C TYR A 27 8.00 -3.09 11.35
N GLU A 28 7.65 -4.31 10.92
CA GLU A 28 6.85 -4.43 9.70
C GLU A 28 5.50 -3.76 9.85
N PHE A 29 4.89 -3.82 11.03
CA PHE A 29 3.61 -3.18 11.24
C PHE A 29 3.76 -1.68 11.02
N ILE A 30 4.78 -1.07 11.59
CA ILE A 30 4.89 0.38 11.53
C ILE A 30 5.50 0.90 10.21
N PHE A 31 6.44 0.15 9.64
CA PHE A 31 7.10 0.58 8.40
C PHE A 31 6.36 0.09 7.15
N GLY A 32 5.55 -0.95 7.30
CA GLY A 32 4.84 -1.53 6.18
C GLY A 32 5.46 -2.85 5.73
N GLU A 33 4.64 -3.71 5.15
CA GLU A 33 5.06 -5.04 4.69
C GLU A 33 6.37 -5.02 3.90
N ASP A 34 7.29 -5.92 4.30
CA ASP A 34 8.58 -6.17 3.65
C ASP A 34 9.69 -5.20 4.08
N TYR A 35 9.35 -4.22 4.91
CA TYR A 35 10.32 -3.22 5.32
C TYR A 35 10.48 -3.17 6.83
N ILE A 36 11.72 -2.93 7.27
CA ILE A 36 12.01 -2.71 8.68
C ILE A 36 12.94 -1.50 8.83
N SER A 37 12.79 -0.54 7.94
CA SER A 37 13.47 0.75 8.13
C SER A 37 12.67 1.93 7.62
N SER A 38 13.17 3.12 7.96
CA SER A 38 12.57 4.42 7.71
C SER A 38 11.79 4.52 6.41
N GLY A 39 10.50 4.81 6.52
CA GLY A 39 9.72 5.20 5.36
C GLY A 39 9.23 4.10 4.45
N GLY A 40 9.61 2.85 4.73
CA GLY A 40 9.14 1.70 3.95
C GLY A 40 9.17 1.91 2.45
N ILE A 41 8.07 1.59 1.79
CA ILE A 41 8.01 1.71 0.35
C ILE A 41 7.97 3.16 -0.12
N ILE A 42 7.42 4.06 0.70
CA ILE A 42 7.35 5.48 0.32
C ILE A 42 8.74 6.08 0.15
N ALA A 43 9.59 5.89 1.16
CA ALA A 43 10.94 6.44 1.09
C ALA A 43 11.76 5.74 0.00
N THR A 44 11.52 4.44 -0.16
CA THR A 44 12.25 3.67 -1.18
C THR A 44 11.96 4.20 -2.57
N THR A 45 10.69 4.48 -2.83
CA THR A 45 10.28 5.07 -4.10
C THR A 45 10.98 6.39 -4.35
N LYS A 46 11.05 7.23 -3.31
CA LYS A 46 11.66 8.55 -3.44
C LYS A 46 13.18 8.46 -3.60
N ILE A 47 13.81 7.62 -2.79
CA ILE A 47 15.26 7.44 -2.83
C ILE A 47 15.73 6.94 -4.21
N LEU A 48 14.90 6.11 -4.83
CA LEU A 48 15.28 5.52 -6.12
C LEU A 48 14.74 6.31 -7.33
N SER A 49 14.12 7.47 -7.08
CA SER A 49 13.39 8.17 -8.15
C SER A 49 14.28 8.77 -9.24
N ASP A 50 15.56 8.94 -8.96
CA ASP A 50 16.48 9.43 -9.99
C ASP A 50 17.56 8.41 -10.33
N ILE A 51 17.40 7.18 -9.85
CA ILE A 51 18.37 6.12 -10.08
C ILE A 51 18.10 5.41 -11.40
N GLN A 52 19.15 5.18 -12.18
CA GLN A 52 19.01 4.60 -13.51
C GLN A 52 19.58 3.19 -13.55
N LEU A 53 18.73 2.21 -13.84
CA LEU A 53 19.12 0.82 -13.94
C LEU A 53 18.25 0.15 -15.01
N ASP A 54 18.67 -1.01 -15.48
CA ASP A 54 17.84 -1.77 -16.43
C ASP A 54 17.86 -3.25 -16.11
N ALA A 55 17.29 -4.06 -17.00
CA ALA A 55 17.16 -5.48 -16.74
C ALA A 55 18.50 -6.21 -16.67
N ASN A 56 19.56 -5.60 -17.20
CA ASN A 56 20.87 -6.24 -17.15
C ASN A 56 21.72 -5.75 -15.98
N SER A 57 21.21 -4.79 -15.22
CA SER A 57 21.97 -4.25 -14.09
C SER A 57 22.13 -5.27 -12.98
N LYS A 58 23.24 -5.19 -12.25
CA LYS A 58 23.48 -6.02 -11.07
C LYS A 58 23.53 -5.14 -9.84
N VAL A 59 22.68 -5.43 -8.86
CA VAL A 59 22.57 -4.64 -7.65
C VAL A 59 22.85 -5.48 -6.42
N LEU A 60 23.60 -4.90 -5.49
CA LEU A 60 23.82 -5.47 -4.17
C LEU A 60 23.05 -4.66 -3.12
N ASP A 61 22.26 -5.33 -2.27
CA ASP A 61 21.60 -4.66 -1.14
C ASP A 61 22.27 -5.14 0.14
N ILE A 62 22.98 -4.24 0.83
CA ILE A 62 23.69 -4.58 2.05
C ILE A 62 22.78 -4.37 3.24
N GLY A 63 22.38 -5.47 3.88
CA GLY A 63 21.40 -5.43 4.95
C GLY A 63 19.99 -5.61 4.42
N SER A 64 19.78 -6.65 3.61
CA SER A 64 18.56 -6.73 2.82
C SER A 64 17.28 -7.02 3.62
N GLY A 65 17.42 -7.41 4.89
CA GLY A 65 16.26 -7.54 5.76
C GLY A 65 15.22 -8.53 5.29
N LEU A 66 13.96 -8.09 5.23
CA LEU A 66 12.86 -8.95 4.79
C LEU A 66 12.70 -8.94 3.28
N GLY A 67 13.51 -8.12 2.60
CA GLY A 67 13.58 -8.19 1.15
C GLY A 67 12.84 -7.13 0.35
N GLY A 68 12.21 -6.17 1.03
CA GLY A 68 11.37 -5.19 0.37
C GLY A 68 12.12 -4.38 -0.68
N GLY A 69 13.33 -3.96 -0.35
CA GLY A 69 14.12 -3.16 -1.26
C GLY A 69 14.51 -3.93 -2.51
N CYS A 70 14.97 -5.16 -2.33
CA CYS A 70 15.30 -6.03 -3.46
C CYS A 70 14.08 -6.26 -4.33
N LYS A 71 12.94 -6.56 -3.70
CA LYS A 71 11.68 -6.71 -4.42
C LYS A 71 11.37 -5.45 -5.24
N TYR A 72 11.49 -4.27 -4.63
CA TYR A 72 11.15 -3.03 -5.33
C TYR A 72 12.08 -2.77 -6.51
N ILE A 73 13.37 -2.95 -6.30
CA ILE A 73 14.36 -2.69 -7.34
C ILE A 73 14.16 -3.63 -8.54
N ASN A 74 13.96 -4.91 -8.24
CA ASN A 74 13.68 -5.85 -9.31
C ASN A 74 12.37 -5.55 -10.03
N GLU A 75 11.34 -5.16 -9.28
CA GLU A 75 10.05 -4.86 -9.90
C GLU A 75 10.13 -3.63 -10.79
N LYS A 76 10.82 -2.59 -10.32
CA LYS A 76 10.88 -1.33 -11.06
C LYS A 76 11.74 -1.45 -12.31
N TYR A 77 12.91 -2.07 -12.18
CA TYR A 77 13.90 -2.02 -13.26
C TYR A 77 14.11 -3.34 -13.98
N GLY A 78 13.68 -4.44 -13.36
CA GLY A 78 13.95 -5.77 -13.89
C GLY A 78 15.37 -6.20 -13.58
N ALA A 79 16.06 -5.45 -12.71
CA ALA A 79 17.47 -5.71 -12.41
C ALA A 79 17.69 -6.99 -11.63
N HIS A 80 18.88 -7.56 -11.79
CA HIS A 80 19.34 -8.63 -10.90
C HIS A 80 19.65 -8.00 -9.56
N VAL A 81 19.11 -8.57 -8.49
CA VAL A 81 19.40 -8.07 -7.15
C VAL A 81 19.88 -9.18 -6.24
N HIS A 82 20.94 -8.89 -5.51
CA HIS A 82 21.53 -9.83 -4.56
C HIS A 82 21.49 -9.14 -3.20
N GLY A 83 20.71 -9.68 -2.28
CA GLY A 83 20.64 -9.11 -0.94
C GLY A 83 21.47 -9.94 0.02
N VAL A 84 22.24 -9.26 0.87
CA VAL A 84 22.99 -9.92 1.92
C VAL A 84 22.51 -9.42 3.27
N ASP A 85 22.19 -10.32 4.18
CA ASP A 85 21.86 -9.91 5.54
C ASP A 85 22.46 -10.90 6.51
N ILE A 86 22.95 -10.42 7.64
CA ILE A 86 23.59 -11.28 8.61
C ILE A 86 22.56 -12.14 9.37
N CYS A 87 21.30 -11.74 9.33
CA CYS A 87 20.25 -12.42 10.08
C CYS A 87 19.60 -13.52 9.24
N GLU A 88 19.94 -14.77 9.52
CA GLU A 88 19.44 -15.90 8.73
C GLU A 88 17.91 -15.97 8.71
N LYS A 89 17.28 -15.69 9.84
CA LYS A 89 15.83 -15.72 9.96
C LYS A 89 15.17 -14.76 8.96
N MET A 90 15.76 -13.58 8.79
N MET A 90 15.74 -13.56 8.80
CA MET A 90 15.23 -12.61 7.83
CA MET A 90 15.23 -12.60 7.83
C MET A 90 15.45 -13.09 6.41
C MET A 90 15.45 -13.09 6.41
N VAL A 91 16.63 -13.66 6.16
CA VAL A 91 16.95 -14.18 4.83
C VAL A 91 15.96 -15.29 4.45
N THR A 92 15.65 -16.16 5.41
CA THR A 92 14.66 -17.20 5.17
C THR A 92 13.28 -16.63 4.80
N ILE A 93 12.86 -15.60 5.52
CA ILE A 93 11.62 -14.89 5.21
C ILE A 93 11.67 -14.27 3.82
N ALA A 94 12.75 -13.55 3.52
CA ALA A 94 12.89 -12.88 2.22
C ALA A 94 12.82 -13.88 1.07
N LYS A 95 13.48 -15.02 1.23
CA LYS A 95 13.45 -16.06 0.20
C LYS A 95 12.05 -16.59 0.02
N LEU A 96 11.38 -16.89 1.13
CA LEU A 96 10.01 -17.43 1.09
C LEU A 96 9.08 -16.49 0.33
N ARG A 97 9.23 -15.19 0.58
CA ARG A 97 8.31 -14.20 0.03
C ARG A 97 8.60 -13.86 -1.43
N ASN A 98 9.77 -14.26 -1.92
CA ASN A 98 10.17 -13.87 -3.27
C ASN A 98 10.57 -15.06 -4.14
N GLN A 99 10.04 -16.23 -3.82
CA GLN A 99 10.27 -17.45 -4.59
C GLN A 99 9.99 -17.29 -6.07
N ASP A 100 9.00 -16.47 -6.41
CA ASP A 100 8.59 -16.30 -7.81
C ASP A 100 9.45 -15.30 -8.59
N LYS A 101 10.48 -14.76 -7.94
CA LYS A 101 11.33 -13.76 -8.56
C LYS A 101 12.70 -14.35 -8.85
N ALA A 102 12.88 -14.87 -10.06
CA ALA A 102 14.10 -15.60 -10.39
C ALA A 102 15.36 -14.72 -10.33
N LYS A 103 15.20 -13.42 -10.56
CA LYS A 103 16.35 -12.52 -10.59
C LYS A 103 16.64 -11.84 -9.26
N ILE A 104 16.02 -12.32 -8.21
CA ILE A 104 16.36 -11.89 -6.87
C ILE A 104 16.98 -13.07 -6.14
N GLU A 105 18.07 -12.81 -5.41
CA GLU A 105 18.63 -13.83 -4.53
C GLU A 105 19.00 -13.20 -3.20
N PHE A 106 18.96 -14.00 -2.15
CA PHE A 106 19.32 -13.55 -0.82
C PHE A 106 20.31 -14.52 -0.24
N GLU A 107 21.18 -14.00 0.62
CA GLU A 107 22.23 -14.77 1.22
C GLU A 107 22.40 -14.33 2.67
N ALA A 108 22.53 -15.30 3.56
CA ALA A 108 22.77 -15.02 4.97
C ALA A 108 24.26 -14.99 5.25
N LYS A 109 24.80 -13.80 5.45
CA LYS A 109 26.21 -13.63 5.78
C LYS A 109 26.47 -12.23 6.33
N ASP A 110 27.50 -12.13 7.16
CA ASP A 110 28.04 -10.84 7.58
C ASP A 110 28.69 -10.24 6.33
N ILE A 111 28.29 -9.02 5.95
CA ILE A 111 28.81 -8.41 4.74
C ILE A 111 30.33 -8.23 4.84
N LEU A 112 30.83 -8.10 6.06
CA LEU A 112 32.27 -7.95 6.26
C LEU A 112 33.04 -9.21 5.90
N LYS A 113 32.33 -10.34 5.86
CA LYS A 113 32.97 -11.61 5.53
C LYS A 113 32.70 -12.03 4.08
N LYS A 114 32.03 -11.15 3.35
CA LYS A 114 31.74 -11.38 1.95
C LYS A 114 32.86 -10.86 1.08
N ASP A 115 33.08 -11.57 -0.03
CA ASP A 115 33.85 -11.02 -1.12
C ASP A 115 33.05 -11.11 -2.41
N PHE A 116 33.28 -10.15 -3.28
CA PHE A 116 32.77 -10.19 -4.64
C PHE A 116 33.93 -9.81 -5.52
N PRO A 117 33.91 -10.25 -6.79
CA PRO A 117 34.97 -9.81 -7.70
C PRO A 117 34.91 -8.31 -7.92
N GLU A 118 36.06 -7.74 -8.28
CA GLU A 118 36.15 -6.36 -8.74
C GLU A 118 35.15 -6.16 -9.89
N SER A 119 34.46 -5.03 -9.88
CA SER A 119 33.59 -4.64 -11.00
C SER A 119 32.42 -5.60 -11.21
N THR A 120 31.74 -5.93 -10.11
CA THR A 120 30.58 -6.81 -10.14
C THR A 120 29.27 -6.03 -10.26
N PHE A 121 29.13 -4.95 -9.51
CA PHE A 121 27.84 -4.29 -9.34
C PHE A 121 27.71 -2.95 -10.03
N ASP A 122 26.54 -2.73 -10.65
CA ASP A 122 26.19 -1.41 -11.15
C ASP A 122 25.79 -0.47 -10.01
N MET A 123 25.22 -1.04 -8.97
CA MET A 123 24.84 -0.25 -7.80
C MET A 123 24.96 -1.08 -6.55
N ILE A 124 25.50 -0.46 -5.50
CA ILE A 124 25.48 -1.00 -4.16
C ILE A 124 24.59 -0.09 -3.34
N TYR A 125 23.61 -0.70 -2.68
CA TYR A 125 22.50 -0.01 -2.04
C TYR A 125 22.42 -0.47 -0.60
N SER A 126 22.18 0.45 0.31
CA SER A 126 22.06 0.05 1.71
C SER A 126 21.18 1.04 2.43
N ARG A 127 20.21 0.52 3.17
CA ARG A 127 19.24 1.35 3.86
C ARG A 127 19.25 1.06 5.35
N ASP A 128 19.72 2.04 6.12
CA ASP A 128 19.76 1.98 7.58
C ASP A 128 20.29 0.68 8.12
N SER A 129 21.46 0.28 7.61
CA SER A 129 22.09 -0.96 8.03
C SER A 129 23.54 -0.76 8.46
N ILE A 130 24.21 0.24 7.90
CA ILE A 130 25.63 0.41 8.15
C ILE A 130 25.86 0.97 9.57
N LEU A 131 24.80 1.50 10.17
CA LEU A 131 24.84 1.91 11.58
C LEU A 131 25.22 0.79 12.56
N HIS A 132 25.10 -0.45 12.11
CA HIS A 132 25.43 -1.59 12.96
C HIS A 132 26.93 -1.82 13.02
N LEU A 133 27.68 -1.11 12.16
CA LEU A 133 29.11 -1.36 12.04
C LEU A 133 29.91 -0.30 12.77
N SER A 134 31.00 -0.73 13.40
CA SER A 134 31.96 0.19 14.01
C SER A 134 32.57 1.08 12.95
N TYR A 135 33.18 2.19 13.36
CA TYR A 135 33.85 3.07 12.41
C TYR A 135 34.85 2.31 11.55
N ALA A 136 35.69 1.51 12.19
CA ALA A 136 36.68 0.71 11.48
C ALA A 136 36.04 -0.26 10.47
N ASP A 137 34.91 -0.83 10.86
CA ASP A 137 34.20 -1.74 9.97
C ASP A 137 33.50 -0.98 8.83
N LYS A 138 33.02 0.22 9.09
CA LYS A 138 32.44 1.02 8.01
C LYS A 138 33.51 1.29 6.95
N LYS A 139 34.70 1.66 7.40
CA LYS A 139 35.79 1.96 6.49
C LYS A 139 36.15 0.72 5.67
N MET A 140 36.26 -0.43 6.34
CA MET A 140 36.56 -1.67 5.64
C MET A 140 35.48 -1.99 4.62
N LEU A 141 34.23 -1.77 4.99
CA LEU A 141 33.12 -2.03 4.07
C LEU A 141 33.18 -1.12 2.85
N PHE A 142 33.47 0.16 3.06
CA PHE A 142 33.47 1.09 1.94
C PHE A 142 34.64 0.81 0.99
N GLU A 143 35.75 0.35 1.53
CA GLU A 143 36.88 -0.09 0.70
C GLU A 143 36.48 -1.30 -0.15
N LYS A 144 35.75 -2.23 0.45
CA LYS A 144 35.23 -3.39 -0.28
C LYS A 144 34.24 -2.93 -1.36
N CYS A 145 33.31 -2.05 -0.99
CA CYS A 145 32.32 -1.55 -1.94
C CYS A 145 32.96 -0.89 -3.14
N TYR A 146 34.03 -0.13 -2.90
CA TYR A 146 34.72 0.54 -3.98
C TYR A 146 35.24 -0.48 -4.98
N LYS A 147 35.85 -1.53 -4.47
CA LYS A 147 36.34 -2.63 -5.30
C LYS A 147 35.20 -3.31 -6.07
N TRP A 148 34.10 -3.61 -5.38
CA TRP A 148 33.00 -4.38 -5.94
C TRP A 148 32.21 -3.66 -7.03
N LEU A 149 32.25 -2.33 -7.01
CA LEU A 149 31.53 -1.58 -8.04
C LEU A 149 32.20 -1.65 -9.41
N LYS A 150 31.37 -1.64 -10.45
CA LYS A 150 31.85 -1.44 -11.81
C LYS A 150 32.28 0.01 -11.98
N PRO A 151 33.11 0.29 -12.98
CA PRO A 151 33.40 1.69 -13.30
C PRO A 151 32.10 2.46 -13.56
N ASN A 152 32.00 3.66 -13.01
CA ASN A 152 30.78 4.48 -13.06
C ASN A 152 29.63 3.94 -12.19
N GLY A 153 29.88 2.83 -11.50
CA GLY A 153 28.90 2.30 -10.55
C GLY A 153 28.59 3.23 -9.39
N ILE A 154 27.38 3.10 -8.86
CA ILE A 154 26.85 3.99 -7.83
C ILE A 154 26.74 3.29 -6.46
N LEU A 155 27.15 4.00 -5.41
CA LEU A 155 26.90 3.61 -4.04
C LEU A 155 25.79 4.52 -3.53
N LEU A 156 24.73 3.95 -2.97
CA LEU A 156 23.58 4.70 -2.53
C LEU A 156 23.18 4.21 -1.15
N ILE A 157 23.24 5.11 -0.17
CA ILE A 157 23.04 4.76 1.22
C ILE A 157 22.12 5.73 1.93
N THR A 158 21.23 5.21 2.76
CA THR A 158 20.71 6.01 3.87
C THR A 158 21.19 5.37 5.17
N ASP A 159 21.40 6.18 6.18
CA ASP A 159 21.86 5.66 7.44
C ASP A 159 21.59 6.64 8.55
N TYR A 160 21.39 6.13 9.76
CA TYR A 160 21.27 7.01 10.92
C TYR A 160 22.62 7.66 11.19
N CYS A 161 22.57 8.94 11.52
CA CYS A 161 23.75 9.70 11.91
C CYS A 161 23.40 10.46 13.17
N ALA A 162 24.37 11.18 13.73
CA ALA A 162 24.12 11.85 15.00
C ALA A 162 24.95 13.10 15.12
N ASP A 163 24.53 13.97 16.04
CA ASP A 163 25.33 15.13 16.40
C ASP A 163 26.56 14.62 17.11
N LYS A 164 27.49 15.54 17.40
CA LYS A 164 28.70 15.22 18.14
C LYS A 164 28.31 14.61 19.48
N ILE A 165 29.08 13.64 19.94
CA ILE A 165 28.77 12.93 21.18
C ILE A 165 28.57 13.83 22.42
N GLU A 166 29.28 14.95 22.49
CA GLU A 166 29.12 15.83 23.65
C GLU A 166 27.72 16.47 23.74
N ASN A 167 26.97 16.45 22.64
CA ASN A 167 25.59 16.93 22.66
C ASN A 167 24.56 15.84 22.96
N TRP A 168 25.02 14.62 23.20
CA TRP A 168 24.11 13.53 23.49
C TRP A 168 23.61 13.67 24.91
N ASP A 169 22.34 13.34 25.13
CA ASP A 169 21.78 13.31 26.47
C ASP A 169 21.64 11.88 26.94
N GLU A 170 21.17 11.71 28.17
CA GLU A 170 21.07 10.38 28.79
C GLU A 170 20.22 9.36 28.01
N GLU A 171 19.03 9.76 27.58
CA GLU A 171 18.15 8.83 26.87
C GLU A 171 18.72 8.42 25.52
N PHE A 172 19.37 9.35 24.84
CA PHE A 172 19.95 9.04 23.53
C PHE A 172 21.11 8.08 23.72
N LYS A 173 21.91 8.29 24.75
CA LYS A 173 23.04 7.40 25.02
C LYS A 173 22.59 5.98 25.35
N ALA A 174 21.51 5.88 26.10
CA ALA A 174 20.91 4.60 26.46
C ALA A 174 20.41 3.88 25.21
N TYR A 175 19.79 4.64 24.31
CA TYR A 175 19.28 4.12 23.04
C TYR A 175 20.42 3.56 22.17
N ILE A 176 21.48 4.34 22.02
CA ILE A 176 22.61 3.91 21.21
C ILE A 176 23.26 2.65 21.79
N LYS A 177 23.38 2.60 23.10
CA LYS A 177 23.98 1.46 23.79
C LYS A 177 23.15 0.19 23.58
N LYS A 178 21.84 0.33 23.79
CA LYS A 178 20.88 -0.74 23.62
C LYS A 178 20.94 -1.31 22.20
N ARG A 179 20.96 -0.41 21.22
CA ARG A 179 20.95 -0.79 19.82
C ARG A 179 22.32 -1.26 19.33
N LYS A 180 23.36 -0.90 20.07
CA LYS A 180 24.75 -1.19 19.68
C LYS A 180 25.14 -0.46 18.37
N TYR A 181 24.50 0.68 18.12
CA TYR A 181 24.79 1.48 16.95
C TYR A 181 26.12 2.22 17.09
N THR A 182 26.76 2.51 15.95
CA THR A 182 27.88 3.45 15.92
C THR A 182 27.47 4.58 14.98
N LEU A 183 27.18 5.76 15.55
CA LEU A 183 26.67 6.90 14.77
C LEU A 183 27.65 8.05 14.75
N MET A 184 27.88 8.62 13.56
CA MET A 184 28.79 9.75 13.42
C MET A 184 28.05 10.86 12.68
N PRO A 185 28.63 12.07 12.68
CA PRO A 185 28.00 13.18 11.95
C PRO A 185 28.07 12.97 10.45
N ILE A 186 27.19 13.67 9.75
CA ILE A 186 27.05 13.49 8.31
C ILE A 186 28.31 13.80 7.49
N GLN A 187 28.99 14.90 7.77
N GLN A 187 28.95 14.90 7.81
CA GLN A 187 30.16 15.21 6.95
CA GLN A 187 30.16 15.32 7.10
C GLN A 187 31.35 14.30 7.28
C GLN A 187 31.27 14.29 7.27
N GLU A 188 31.39 13.76 8.49
CA GLU A 188 32.44 12.78 8.81
C GLU A 188 32.20 11.48 8.04
N TYR A 189 30.94 11.14 7.85
CA TYR A 189 30.53 9.95 7.09
C TYR A 189 30.87 10.17 5.62
N GLY A 190 30.55 11.34 5.10
CA GLY A 190 30.91 11.67 3.72
C GLY A 190 32.41 11.66 3.49
N ASP A 191 33.17 12.21 4.44
CA ASP A 191 34.63 12.24 4.34
C ASP A 191 35.20 10.82 4.35
N LEU A 192 34.62 9.93 5.16
CA LEU A 192 35.05 8.54 5.16
C LEU A 192 34.84 7.90 3.78
N ILE A 193 33.68 8.15 3.19
CA ILE A 193 33.42 7.65 1.84
C ILE A 193 34.43 8.24 0.83
N LYS A 194 34.65 9.55 0.90
CA LYS A 194 35.64 10.19 0.03
C LYS A 194 37.03 9.58 0.18
N SER A 195 37.41 9.26 1.42
CA SER A 195 38.76 8.77 1.69
C SER A 195 39.00 7.39 1.06
N CYS A 196 37.92 6.70 0.70
CA CYS A 196 38.00 5.40 0.01
C CYS A 196 38.02 5.55 -1.51
N LYS A 197 38.16 6.80 -1.98
CA LYS A 197 38.42 7.15 -3.38
C LYS A 197 37.14 7.36 -4.20
N PHE A 198 35.98 7.22 -3.54
CA PHE A 198 34.72 7.53 -4.19
C PHE A 198 34.69 8.97 -4.65
N GLN A 199 34.06 9.21 -5.79
CA GLN A 199 33.97 10.52 -6.40
C GLN A 199 32.49 10.92 -6.52
N ASN A 200 32.24 12.17 -6.92
CA ASN A 200 30.87 12.69 -6.98
C ASN A 200 30.11 12.42 -5.69
N VAL A 201 30.81 12.53 -4.58
CA VAL A 201 30.20 12.20 -3.29
C VAL A 201 29.19 13.26 -2.86
N GLU A 202 27.96 12.81 -2.60
CA GLU A 202 26.94 13.66 -2.02
C GLU A 202 26.66 13.13 -0.62
N ALA A 203 26.81 13.98 0.37
CA ALA A 203 26.54 13.59 1.75
C ALA A 203 25.60 14.65 2.28
N LYS A 204 24.34 14.26 2.46
CA LYS A 204 23.28 15.21 2.76
C LYS A 204 22.50 14.85 4.01
N ASP A 205 22.17 15.86 4.79
CA ASP A 205 21.29 15.71 5.92
C ASP A 205 19.87 15.79 5.42
N ILE A 206 19.14 14.68 5.49
CA ILE A 206 17.74 14.65 5.06
C ILE A 206 16.80 14.44 6.24
N SER A 207 17.18 15.01 7.37
CA SER A 207 16.43 14.79 8.62
C SER A 207 15.05 15.41 8.60
N ASP A 208 14.82 16.43 7.78
CA ASP A 208 13.47 17.01 7.72
C ASP A 208 12.51 16.07 7.01
N TYR A 209 13.01 15.36 5.99
CA TYR A 209 12.21 14.34 5.34
C TYR A 209 12.01 13.19 6.31
N TRP A 210 13.06 12.82 7.04
CA TRP A 210 12.95 11.77 8.06
C TRP A 210 11.85 12.10 9.07
N LEU A 211 11.84 13.35 9.53
CA LEU A 211 10.83 13.83 10.46
C LEU A 211 9.43 13.61 9.93
N GLU A 212 9.20 13.96 8.66
CA GLU A 212 7.90 13.75 8.04
C GLU A 212 7.52 12.28 8.05
N LEU A 213 8.47 11.40 7.72
CA LEU A 213 8.20 9.97 7.72
C LEU A 213 7.90 9.47 9.13
N LEU A 214 8.69 9.90 10.11
CA LEU A 214 8.46 9.49 11.51
C LEU A 214 7.07 9.91 11.96
N GLN A 215 6.68 11.15 11.67
CA GLN A 215 5.37 11.64 12.08
C GLN A 215 4.25 10.84 11.43
N LEU A 216 4.38 10.55 10.14
CA LEU A 216 3.38 9.77 9.44
C LEU A 216 3.30 8.36 10.01
N GLU A 217 4.45 7.74 10.22
CA GLU A 217 4.49 6.38 10.76
C GLU A 217 3.83 6.30 12.13
N LEU A 218 4.13 7.26 13.00
CA LEU A 218 3.54 7.28 14.33
C LEU A 218 2.03 7.52 14.27
N SER A 219 1.60 8.42 13.38
CA SER A 219 0.17 8.73 13.29
C SER A 219 -0.63 7.52 12.81
N LYS A 220 -0.04 6.73 11.92
CA LYS A 220 -0.70 5.53 11.44
C LYS A 220 -0.71 4.45 12.51
N LEU A 221 0.37 4.34 13.29
CA LEU A 221 0.39 3.41 14.41
C LEU A 221 -0.72 3.75 15.41
N GLU A 222 -0.83 5.02 15.78
CA GLU A 222 -1.81 5.42 16.80
C GLU A 222 -3.24 5.23 16.30
N GLU A 223 -3.46 5.50 15.03
CA GLU A 223 -4.74 5.23 14.36
C GLU A 223 -5.14 3.77 14.47
N LYS A 224 -4.15 2.89 14.39
CA LYS A 224 -4.39 1.45 14.37
C LYS A 224 -4.01 0.76 15.68
N LYS A 225 -4.07 1.50 16.78
CA LYS A 225 -3.74 0.93 18.08
C LYS A 225 -4.55 -0.34 18.40
N GLU A 226 -5.86 -0.30 18.18
CA GLU A 226 -6.67 -1.46 18.50
C GLU A 226 -6.29 -2.66 17.63
N GLU A 227 -5.98 -2.41 16.36
CA GLU A 227 -5.53 -3.46 15.46
C GLU A 227 -4.21 -4.06 15.94
N PHE A 228 -3.28 -3.19 16.34
CA PHE A 228 -1.98 -3.64 16.82
C PHE A 228 -2.15 -4.54 18.03
N LEU A 229 -3.03 -4.12 18.94
CA LEU A 229 -3.20 -4.84 20.21
C LEU A 229 -3.87 -6.20 20.08
N LYS A 230 -4.44 -6.48 18.92
CA LYS A 230 -5.04 -7.79 18.69
C LYS A 230 -3.95 -8.86 18.52
N VAL A 231 -2.79 -8.45 18.02
CA VAL A 231 -1.75 -9.41 17.72
C VAL A 231 -0.47 -9.22 18.55
N TYR A 232 -0.20 -7.99 18.96
CA TYR A 232 1.03 -7.72 19.72
C TYR A 232 0.75 -7.18 21.10
N SER A 233 1.81 -7.09 21.90
N SER A 233 1.82 -7.07 21.89
CA SER A 233 1.67 -6.64 23.28
CA SER A 233 1.72 -6.64 23.27
C SER A 233 1.60 -5.12 23.39
C SER A 233 1.64 -5.12 23.40
N ILE A 234 0.92 -4.67 24.43
CA ILE A 234 0.79 -3.25 24.73
C ILE A 234 2.16 -2.68 25.13
N LYS A 235 3.03 -3.55 25.63
CA LYS A 235 4.40 -3.16 25.91
C LYS A 235 5.18 -2.95 24.61
N GLU A 236 4.93 -3.78 23.61
CA GLU A 236 5.52 -3.58 22.29
C GLU A 236 4.90 -2.34 21.67
N TYR A 237 3.62 -2.09 21.97
CA TYR A 237 2.94 -0.92 21.45
C TYR A 237 3.56 0.35 22.02
N ASN A 238 3.58 0.44 23.35
CA ASN A 238 4.19 1.59 24.01
C ASN A 238 5.68 1.73 23.70
N SER A 239 6.36 0.60 23.48
CA SER A 239 7.77 0.66 23.10
C SER A 239 7.96 1.30 21.73
N LEU A 240 7.12 0.91 20.76
CA LEU A 240 7.15 1.53 19.44
C LEU A 240 6.80 3.00 19.50
N LYS A 241 5.67 3.29 20.13
CA LYS A 241 5.17 4.65 20.25
C LYS A 241 6.21 5.55 20.91
N ASP A 242 6.75 5.11 22.05
CA ASP A 242 7.73 5.93 22.77
C ASP A 242 9.00 6.10 21.98
N GLY A 243 9.38 5.06 21.24
CA GLY A 243 10.58 5.11 20.43
C GLY A 243 10.46 6.10 19.29
N TRP A 244 9.30 6.15 18.65
CA TRP A 244 9.08 7.12 17.58
C TRP A 244 8.97 8.52 18.16
N THR A 245 8.31 8.63 19.31
CA THR A 245 8.22 9.91 19.98
C THR A 245 9.62 10.49 20.26
N ARG A 246 10.54 9.65 20.71
CA ARG A 246 11.89 10.13 20.99
C ARG A 246 12.65 10.49 19.73
N LYS A 247 12.49 9.69 18.67
CA LYS A 247 13.17 9.99 17.41
C LYS A 247 12.71 11.33 16.84
N ILE A 248 11.40 11.58 16.92
CA ILE A 248 10.84 12.86 16.47
C ILE A 248 11.41 14.01 17.27
N LYS A 249 11.40 13.90 18.59
CA LYS A 249 11.98 14.93 19.45
C LYS A 249 13.47 15.13 19.14
N ASP A 250 14.20 14.04 19.00
CA ASP A 250 15.64 14.15 18.88
C ASP A 250 16.09 14.61 17.50
N THR A 251 15.27 14.38 16.48
CA THR A 251 15.63 14.91 15.18
C THR A 251 15.33 16.42 15.12
N LYS A 252 14.31 16.85 15.85
CA LYS A 252 13.98 18.28 15.87
C LYS A 252 15.09 19.12 16.50
N ARG A 253 15.80 18.57 17.48
CA ARG A 253 16.89 19.31 18.09
C ARG A 253 18.25 18.88 17.53
N ASP A 254 18.23 18.28 16.34
CA ASP A 254 19.44 17.98 15.57
C ASP A 254 20.38 16.97 16.24
N LEU A 255 19.82 16.11 17.10
CA LEU A 255 20.61 15.10 17.80
C LEU A 255 20.68 13.79 17.01
N GLN A 256 19.54 13.25 16.64
CA GLN A 256 19.53 12.07 15.77
C GLN A 256 19.21 12.54 14.36
N LYS A 257 19.98 12.09 13.39
CA LYS A 257 19.89 12.59 12.03
C LYS A 257 19.71 11.46 11.02
N TRP A 258 19.14 11.78 9.87
CA TRP A 258 19.10 10.81 8.79
C TRP A 258 20.01 11.30 7.68
N GLY A 259 20.96 10.45 7.29
CA GLY A 259 21.92 10.82 6.26
C GLY A 259 21.64 10.11 4.95
N TYR A 260 21.84 10.85 3.87
CA TYR A 260 21.77 10.35 2.50
C TYR A 260 23.16 10.48 1.91
N PHE A 261 23.63 9.39 1.31
CA PHE A 261 24.96 9.36 0.70
C PHE A 261 24.88 8.71 -0.67
N LYS A 262 25.41 9.40 -1.67
CA LYS A 262 25.50 8.84 -3.00
C LYS A 262 26.90 9.09 -3.52
N ALA A 263 27.49 8.09 -4.15
CA ALA A 263 28.87 8.23 -4.61
C ALA A 263 29.08 7.39 -5.83
N GLN A 264 30.19 7.62 -6.51
CA GLN A 264 30.44 6.93 -7.76
C GLN A 264 31.89 6.51 -7.83
N LYS A 265 32.13 5.33 -8.39
CA LYS A 265 33.46 4.87 -8.69
C LYS A 265 33.87 5.39 -10.07
N MET A 266 34.94 6.17 -10.12
CA MET A 266 35.36 6.81 -11.36
C MET A 266 36.79 6.43 -11.79
N HIS B 3 -16.86 -2.54 17.58
CA HIS B 3 -17.46 -3.00 16.33
C HIS B 3 -17.32 -4.52 16.20
N MET B 4 -18.05 -5.11 15.26
CA MET B 4 -18.10 -6.56 15.16
C MET B 4 -17.60 -7.04 13.82
N ILE B 5 -16.32 -6.77 13.55
CA ILE B 5 -15.69 -7.12 12.30
C ILE B 5 -15.01 -8.48 12.39
N SER B 6 -15.28 -9.34 11.42
CA SER B 6 -14.75 -10.70 11.44
C SER B 6 -13.35 -10.75 10.81
N GLU B 7 -13.24 -10.18 9.61
N GLU B 7 -13.23 -10.14 9.65
CA GLU B 7 -11.98 -10.12 8.88
CA GLU B 7 -11.98 -10.13 8.89
C GLU B 7 -11.76 -8.71 8.34
C GLU B 7 -11.72 -8.74 8.33
N PRO B 8 -11.10 -7.86 9.14
CA PRO B 8 -10.87 -6.47 8.70
C PRO B 8 -10.12 -6.39 7.37
N VAL B 9 -10.50 -5.41 6.55
CA VAL B 9 -9.84 -5.22 5.27
C VAL B 9 -8.39 -4.78 5.49
N ASP B 10 -7.47 -5.35 4.72
CA ASP B 10 -6.05 -5.03 4.84
C ASP B 10 -5.73 -3.72 4.11
N ILE B 11 -5.93 -2.61 4.80
CA ILE B 11 -5.80 -1.27 4.20
C ILE B 11 -4.43 -1.04 3.57
N LYS B 12 -3.38 -1.36 4.32
CA LYS B 12 -2.01 -1.14 3.87
C LYS B 12 -1.67 -1.99 2.65
N TYR B 13 -2.18 -3.22 2.61
CA TYR B 13 -1.94 -4.06 1.44
C TYR B 13 -2.64 -3.49 0.22
N LEU B 14 -3.88 -3.06 0.39
CA LEU B 14 -4.64 -2.46 -0.72
C LEU B 14 -3.95 -1.18 -1.19
N GLU B 15 -3.45 -0.40 -0.24
CA GLU B 15 -2.83 0.90 -0.56
C GLU B 15 -1.56 0.76 -1.37
N ASN B 16 -0.92 -0.40 -1.29
CA ASN B 16 0.36 -0.60 -1.97
C ASN B 16 0.29 -1.53 -3.16
N ASN B 17 -0.91 -2.06 -3.42
CA ASN B 17 -1.06 -2.99 -4.52
C ASN B 17 -2.16 -2.56 -5.47
N GLN B 18 -3.38 -3.05 -5.28
CA GLN B 18 -4.46 -2.67 -6.20
C GLN B 18 -4.63 -1.16 -6.27
N TYR B 19 -4.55 -0.52 -5.11
CA TYR B 19 -4.79 0.91 -5.05
C TYR B 19 -3.52 1.70 -4.74
N SER B 20 -2.41 1.24 -5.31
CA SER B 20 -1.18 2.03 -5.32
C SER B 20 -1.48 3.34 -6.06
N ASP B 21 -0.66 4.37 -5.87
CA ASP B 21 -0.91 5.63 -6.57
C ASP B 21 -0.98 5.41 -8.07
N GLU B 22 -0.06 4.61 -8.59
CA GLU B 22 0.00 4.30 -10.01
C GLU B 22 -1.22 3.49 -10.45
N GLY B 23 -1.65 2.55 -9.61
CA GLY B 23 -2.80 1.73 -9.92
C GLY B 23 -4.08 2.55 -10.01
N ILE B 24 -4.25 3.48 -9.07
CA ILE B 24 -5.40 4.36 -9.11
C ILE B 24 -5.44 5.19 -10.39
N LYS B 25 -4.29 5.77 -10.76
CA LYS B 25 -4.21 6.56 -11.98
C LYS B 25 -4.49 5.72 -13.22
N ALA B 26 -4.00 4.48 -13.22
CA ALA B 26 -4.28 3.58 -14.34
C ALA B 26 -5.76 3.30 -14.44
N TYR B 27 -6.41 3.08 -13.30
CA TYR B 27 -7.85 2.88 -13.32
C TYR B 27 -8.57 4.09 -13.89
N GLU B 28 -8.19 5.30 -13.47
CA GLU B 28 -8.82 6.50 -14.02
C GLU B 28 -8.60 6.62 -15.52
N PHE B 29 -7.44 6.20 -16.00
CA PHE B 29 -7.17 6.26 -17.43
C PHE B 29 -8.15 5.37 -18.20
N ILE B 30 -8.41 4.18 -17.68
CA ILE B 30 -9.21 3.22 -18.42
C ILE B 30 -10.72 3.43 -18.22
N PHE B 31 -11.12 3.94 -17.06
CA PHE B 31 -12.53 4.15 -16.73
C PHE B 31 -13.00 5.58 -16.97
N GLY B 32 -12.07 6.53 -16.95
CA GLY B 32 -12.42 7.94 -17.00
C GLY B 32 -12.25 8.62 -15.66
N GLU B 33 -12.08 9.93 -15.70
CA GLU B 33 -11.83 10.73 -14.50
C GLU B 33 -12.84 10.47 -13.40
N ASP B 34 -12.32 10.30 -12.19
CA ASP B 34 -13.09 10.21 -10.94
C ASP B 34 -13.61 8.80 -10.62
N TYR B 35 -13.35 7.85 -11.51
CA TYR B 35 -13.88 6.51 -11.35
C TYR B 35 -12.79 5.46 -11.33
N ILE B 36 -12.95 4.48 -10.45
CA ILE B 36 -12.04 3.33 -10.44
C ILE B 36 -12.81 2.02 -10.43
N SER B 37 -13.99 2.02 -11.06
CA SER B 37 -14.70 0.78 -11.30
C SER B 37 -15.44 0.76 -12.62
N SER B 38 -15.87 -0.45 -12.96
CA SER B 38 -16.56 -0.79 -14.20
C SER B 38 -17.39 0.30 -14.83
N GLY B 39 -17.03 0.66 -16.05
CA GLY B 39 -17.87 1.53 -16.86
C GLY B 39 -17.83 3.01 -16.55
N GLY B 40 -17.08 3.43 -15.54
CA GLY B 40 -16.99 4.84 -15.20
C GLY B 40 -18.33 5.57 -15.14
N ILE B 41 -18.38 6.78 -15.71
CA ILE B 41 -19.60 7.59 -15.67
C ILE B 41 -20.74 7.02 -16.51
N ILE B 42 -20.41 6.27 -17.56
CA ILE B 42 -21.46 5.71 -18.41
C ILE B 42 -22.29 4.67 -17.65
N ALA B 43 -21.60 3.76 -16.97
CA ALA B 43 -22.32 2.77 -16.17
C ALA B 43 -23.07 3.44 -15.02
N THR B 44 -22.47 4.48 -14.45
CA THR B 44 -23.15 5.20 -13.36
C THR B 44 -24.44 5.87 -13.84
N THR B 45 -24.39 6.51 -15.00
CA THR B 45 -25.58 7.07 -15.62
C THR B 45 -26.65 6.01 -15.80
N LYS B 46 -26.27 4.83 -16.30
CA LYS B 46 -27.24 3.78 -16.55
C LYS B 46 -27.85 3.25 -15.25
N ILE B 47 -27.00 2.96 -14.28
N ILE B 47 -27.01 2.98 -14.27
CA ILE B 47 -27.42 2.42 -12.99
CA ILE B 47 -27.48 2.42 -13.00
C ILE B 47 -28.37 3.36 -12.26
C ILE B 47 -28.41 3.37 -12.26
N LEU B 48 -28.19 4.67 -12.42
CA LEU B 48 -29.05 5.64 -11.74
C LEU B 48 -30.23 6.11 -12.61
N SER B 49 -30.33 5.57 -13.83
CA SER B 49 -31.29 6.09 -14.79
C SER B 49 -32.73 5.81 -14.41
N ASP B 50 -32.96 4.88 -13.49
CA ASP B 50 -34.33 4.62 -13.04
C ASP B 50 -34.49 4.88 -11.54
N ILE B 51 -33.63 5.73 -10.98
CA ILE B 51 -33.67 6.08 -9.58
C ILE B 51 -34.18 7.52 -9.41
N GLN B 52 -35.17 7.69 -8.52
CA GLN B 52 -35.72 9.02 -8.20
C GLN B 52 -35.24 9.50 -6.84
N LEU B 53 -34.63 10.69 -6.82
CA LEU B 53 -34.19 11.36 -5.59
C LEU B 53 -34.33 12.86 -5.80
N ASP B 54 -34.21 13.63 -4.71
CA ASP B 54 -34.28 15.09 -4.83
C ASP B 54 -33.31 15.77 -3.87
N ALA B 55 -33.39 17.09 -3.79
CA ALA B 55 -32.41 17.88 -3.04
C ALA B 55 -32.49 17.62 -1.53
N ASN B 56 -33.61 17.07 -1.07
CA ASN B 56 -33.71 16.77 0.33
C ASN B 56 -33.37 15.31 0.67
N SER B 57 -33.05 14.51 -0.34
CA SER B 57 -32.65 13.12 -0.09
C SER B 57 -31.28 13.07 0.57
N LYS B 58 -31.04 12.01 1.33
CA LYS B 58 -29.71 11.74 1.87
C LYS B 58 -29.23 10.38 1.36
N VAL B 59 -28.03 10.37 0.80
CA VAL B 59 -27.47 9.19 0.16
C VAL B 59 -26.14 8.82 0.81
N LEU B 60 -25.95 7.52 1.03
CA LEU B 60 -24.67 6.98 1.47
C LEU B 60 -24.02 6.24 0.31
N ASP B 61 -22.76 6.55 0.01
CA ASP B 61 -21.97 5.79 -0.97
C ASP B 61 -20.94 4.97 -0.21
N ILE B 62 -21.11 3.65 -0.19
CA ILE B 62 -20.18 2.75 0.47
C ILE B 62 -19.05 2.36 -0.48
N GLY B 63 -17.85 2.88 -0.17
CA GLY B 63 -16.67 2.72 -1.00
C GLY B 63 -16.58 3.84 -2.03
N SER B 64 -16.64 5.07 -1.56
CA SER B 64 -16.79 6.22 -2.45
C SER B 64 -15.56 6.53 -3.35
N GLY B 65 -14.42 5.93 -3.05
CA GLY B 65 -13.27 6.06 -3.94
C GLY B 65 -12.80 7.48 -4.17
N LEU B 66 -12.70 7.89 -5.43
CA LEU B 66 -12.26 9.24 -5.76
C LEU B 66 -13.43 10.22 -5.83
N GLY B 67 -14.63 9.73 -5.60
CA GLY B 67 -15.78 10.62 -5.45
C GLY B 67 -16.67 10.83 -6.65
N GLY B 68 -16.36 10.17 -7.77
CA GLY B 68 -17.16 10.33 -8.99
C GLY B 68 -18.64 10.12 -8.81
N GLY B 69 -19.01 9.02 -8.15
CA GLY B 69 -20.41 8.69 -7.96
C GLY B 69 -21.11 9.69 -7.07
N CYS B 70 -20.44 10.11 -6.01
CA CYS B 70 -21.01 11.11 -5.11
C CYS B 70 -21.24 12.43 -5.85
N LYS B 71 -20.25 12.83 -6.64
CA LYS B 71 -20.40 14.02 -7.45
C LYS B 71 -21.58 13.91 -8.40
N TYR B 72 -21.71 12.77 -9.08
CA TYR B 72 -22.77 12.59 -10.04
C TYR B 72 -24.14 12.63 -9.35
N ILE B 73 -24.25 11.94 -8.22
CA ILE B 73 -25.53 11.91 -7.50
C ILE B 73 -25.95 13.29 -7.05
N ASN B 74 -25.00 14.06 -6.51
CA ASN B 74 -25.33 15.40 -6.07
C ASN B 74 -25.65 16.32 -7.25
N GLU B 75 -24.91 16.18 -8.34
CA GLU B 75 -25.19 16.98 -9.54
C GLU B 75 -26.53 16.67 -10.16
N LYS B 76 -26.87 15.39 -10.25
CA LYS B 76 -28.12 14.98 -10.90
C LYS B 76 -29.35 15.34 -10.05
N TYR B 77 -29.26 15.12 -8.74
CA TYR B 77 -30.45 15.22 -7.89
C TYR B 77 -30.42 16.38 -6.90
N GLY B 78 -29.22 16.90 -6.62
CA GLY B 78 -29.08 17.94 -5.60
C GLY B 78 -29.05 17.36 -4.19
N ALA B 79 -28.96 16.03 -4.10
CA ALA B 79 -29.06 15.34 -2.80
C ALA B 79 -27.88 15.59 -1.87
N HIS B 80 -28.13 15.44 -0.56
CA HIS B 80 -27.06 15.35 0.42
C HIS B 80 -26.41 14.00 0.23
N VAL B 81 -25.09 13.98 0.10
CA VAL B 81 -24.39 12.73 -0.14
C VAL B 81 -23.26 12.55 0.85
N HIS B 82 -23.15 11.35 1.42
CA HIS B 82 -22.09 11.03 2.34
C HIS B 82 -21.35 9.82 1.79
N GLY B 83 -20.10 10.03 1.37
CA GLY B 83 -19.29 8.94 0.86
C GLY B 83 -18.33 8.47 1.94
N VAL B 84 -18.26 7.16 2.11
CA VAL B 84 -17.35 6.55 3.06
C VAL B 84 -16.39 5.63 2.31
N ASP B 85 -15.10 5.78 2.56
CA ASP B 85 -14.14 4.87 1.97
C ASP B 85 -13.05 4.61 3.00
N ILE B 86 -12.59 3.37 3.06
CA ILE B 86 -11.58 2.99 4.05
C ILE B 86 -10.20 3.54 3.70
N CYS B 87 -10.04 4.00 2.46
CA CYS B 87 -8.75 4.46 1.97
C CYS B 87 -8.61 5.95 2.10
N GLU B 88 -7.86 6.41 3.10
CA GLU B 88 -7.78 7.84 3.36
C GLU B 88 -7.22 8.62 2.18
N LYS B 89 -6.22 8.07 1.49
CA LYS B 89 -5.64 8.83 0.37
C LYS B 89 -6.67 9.11 -0.74
N MET B 90 -7.62 8.19 -0.94
CA MET B 90 -8.68 8.43 -1.90
C MET B 90 -9.65 9.49 -1.40
N VAL B 91 -10.01 9.39 -0.13
CA VAL B 91 -10.86 10.41 0.49
C VAL B 91 -10.23 11.80 0.36
N THR B 92 -8.92 11.89 0.57
CA THR B 92 -8.23 13.17 0.40
C THR B 92 -8.36 13.71 -1.03
N ILE B 93 -8.20 12.83 -2.02
CA ILE B 93 -8.39 13.21 -3.41
C ILE B 93 -9.83 13.65 -3.68
N ALA B 94 -10.79 12.89 -3.16
CA ALA B 94 -12.21 13.21 -3.37
C ALA B 94 -12.58 14.57 -2.79
N LYS B 95 -12.09 14.86 -1.59
CA LYS B 95 -12.34 16.15 -0.96
C LYS B 95 -11.75 17.27 -1.79
N LEU B 96 -10.54 17.07 -2.27
CA LEU B 96 -9.81 18.13 -2.98
C LEU B 96 -10.43 18.42 -4.34
N ARG B 97 -11.06 17.40 -4.94
CA ARG B 97 -11.69 17.56 -6.24
C ARG B 97 -13.13 18.09 -6.15
N ASN B 98 -13.65 18.21 -4.94
CA ASN B 98 -15.04 18.63 -4.75
C ASN B 98 -15.20 19.67 -3.66
N GLN B 99 -14.25 20.61 -3.63
CA GLN B 99 -14.23 21.65 -2.60
C GLN B 99 -15.44 22.58 -2.71
N ASP B 100 -16.03 22.63 -3.89
CA ASP B 100 -17.16 23.53 -4.13
C ASP B 100 -18.52 22.89 -3.84
N LYS B 101 -18.51 21.70 -3.26
CA LYS B 101 -19.75 20.95 -3.02
C LYS B 101 -20.12 20.79 -1.54
N ALA B 102 -20.85 21.76 -1.00
CA ALA B 102 -21.16 21.78 0.43
C ALA B 102 -22.05 20.64 0.88
N LYS B 103 -22.78 20.02 -0.06
CA LYS B 103 -23.69 18.95 0.29
C LYS B 103 -23.08 17.57 0.09
N ILE B 104 -21.80 17.53 -0.25
CA ILE B 104 -21.07 16.26 -0.29
C ILE B 104 -20.06 16.19 0.84
N GLU B 105 -20.13 15.11 1.62
CA GLU B 105 -19.13 14.85 2.64
C GLU B 105 -18.42 13.56 2.30
N PHE B 106 -17.10 13.56 2.41
CA PHE B 106 -16.33 12.32 2.29
C PHE B 106 -15.65 12.01 3.60
N GLU B 107 -15.67 10.73 3.97
CA GLU B 107 -15.12 10.32 5.25
C GLU B 107 -14.25 9.09 5.09
N ALA B 108 -13.04 9.15 5.65
CA ALA B 108 -12.14 8.00 5.65
C ALA B 108 -12.43 7.12 6.86
N LYS B 109 -13.09 5.99 6.61
CA LYS B 109 -13.39 5.02 7.65
C LYS B 109 -13.82 3.70 7.03
N ASP B 110 -13.57 2.61 7.76
CA ASP B 110 -14.14 1.32 7.40
C ASP B 110 -15.64 1.44 7.62
N ILE B 111 -16.43 1.15 6.57
CA ILE B 111 -17.88 1.25 6.68
C ILE B 111 -18.42 0.44 7.87
N LEU B 112 -17.73 -0.65 8.21
CA LEU B 112 -18.16 -1.53 9.30
C LEU B 112 -17.95 -0.89 10.67
N LYS B 113 -17.16 0.19 10.72
CA LYS B 113 -16.98 0.95 11.95
C LYS B 113 -17.96 2.11 12.10
N LYS B 114 -18.76 2.37 11.07
CA LYS B 114 -19.78 3.41 11.17
C LYS B 114 -21.01 2.93 11.95
N ASP B 115 -21.66 3.85 12.64
CA ASP B 115 -22.82 3.53 13.46
C ASP B 115 -23.93 4.57 13.25
N PHE B 116 -24.42 4.69 12.03
CA PHE B 116 -25.45 5.68 11.69
C PHE B 116 -26.76 5.39 12.42
N PRO B 117 -27.52 6.45 12.73
CA PRO B 117 -28.82 6.22 13.36
C PRO B 117 -29.79 5.45 12.44
N GLU B 118 -30.77 4.81 13.06
CA GLU B 118 -31.87 4.21 12.32
C GLU B 118 -32.51 5.27 11.43
N SER B 119 -32.84 4.88 10.19
CA SER B 119 -33.61 5.73 9.27
C SER B 119 -32.88 7.02 8.90
N THR B 120 -31.63 6.88 8.49
CA THR B 120 -30.79 8.00 8.11
C THR B 120 -30.84 8.29 6.60
N PHE B 121 -30.87 7.23 5.78
CA PHE B 121 -30.64 7.39 4.34
C PHE B 121 -31.82 7.03 3.46
N ASP B 122 -32.01 7.83 2.41
CA ASP B 122 -32.98 7.49 1.37
C ASP B 122 -32.45 6.44 0.42
N MET B 123 -31.14 6.43 0.22
CA MET B 123 -30.49 5.44 -0.61
C MET B 123 -29.13 5.11 -0.05
N ILE B 124 -28.81 3.82 -0.05
CA ILE B 124 -27.46 3.36 0.19
C ILE B 124 -26.98 2.72 -1.11
N TYR B 125 -25.87 3.22 -1.61
CA TYR B 125 -25.37 2.96 -2.96
C TYR B 125 -23.96 2.42 -2.84
N SER B 126 -23.62 1.40 -3.61
CA SER B 126 -22.26 0.86 -3.57
C SER B 126 -21.89 0.24 -4.90
N ARG B 127 -20.70 0.60 -5.40
CA ARG B 127 -20.25 0.14 -6.70
C ARG B 127 -18.92 -0.57 -6.58
N ASP B 128 -18.95 -1.89 -6.82
CA ASP B 128 -17.78 -2.77 -6.83
C ASP B 128 -16.85 -2.52 -5.63
N SER B 129 -17.43 -2.55 -4.44
CA SER B 129 -16.68 -2.29 -3.21
C SER B 129 -16.88 -3.38 -2.16
N ILE B 130 -18.07 -3.96 -2.14
CA ILE B 130 -18.38 -4.96 -1.13
C ILE B 130 -17.59 -6.27 -1.34
N LEU B 131 -17.04 -6.46 -2.54
CA LEU B 131 -16.15 -7.58 -2.83
C LEU B 131 -14.91 -7.63 -1.92
N HIS B 132 -14.61 -6.52 -1.24
CA HIS B 132 -13.47 -6.48 -0.33
C HIS B 132 -13.78 -7.09 1.02
N LEU B 133 -15.07 -7.28 1.31
CA LEU B 133 -15.49 -7.76 2.62
C LEU B 133 -15.66 -9.27 2.65
N SER B 134 -15.23 -9.90 3.74
CA SER B 134 -15.51 -11.31 3.96
C SER B 134 -17.01 -11.58 3.99
N TYR B 135 -17.39 -12.84 3.80
CA TYR B 135 -18.80 -13.22 3.85
C TYR B 135 -19.48 -12.75 5.15
N ALA B 136 -18.84 -13.04 6.28
CA ALA B 136 -19.39 -12.63 7.57
C ALA B 136 -19.60 -11.14 7.61
N ASP B 137 -18.66 -10.40 7.04
CA ASP B 137 -18.75 -8.95 7.08
C ASP B 137 -19.76 -8.39 6.09
N LYS B 138 -19.99 -9.09 4.98
CA LYS B 138 -21.07 -8.69 4.08
C LYS B 138 -22.41 -8.79 4.82
N LYS B 139 -22.62 -9.89 5.54
CA LYS B 139 -23.85 -10.08 6.30
C LYS B 139 -24.00 -8.97 7.33
N MET B 140 -22.93 -8.68 8.05
CA MET B 140 -22.98 -7.60 9.04
C MET B 140 -23.31 -6.27 8.37
N LEU B 141 -22.69 -5.98 7.23
CA LEU B 141 -22.97 -4.74 6.53
C LEU B 141 -24.42 -4.62 6.10
N PHE B 142 -25.00 -5.71 5.57
CA PHE B 142 -26.37 -5.63 5.07
C PHE B 142 -27.37 -5.45 6.22
N GLU B 143 -27.07 -6.04 7.38
CA GLU B 143 -27.89 -5.81 8.57
C GLU B 143 -27.82 -4.34 8.98
N LYS B 144 -26.63 -3.77 8.92
CA LYS B 144 -26.47 -2.35 9.25
C LYS B 144 -27.19 -1.49 8.23
N CYS B 145 -27.09 -1.84 6.95
CA CYS B 145 -27.76 -1.07 5.91
C CYS B 145 -29.27 -1.05 6.13
N TYR B 146 -29.81 -2.19 6.54
CA TYR B 146 -31.25 -2.27 6.79
C TYR B 146 -31.64 -1.27 7.89
N LYS B 147 -30.89 -1.26 8.98
CA LYS B 147 -31.12 -0.28 10.04
C LYS B 147 -31.00 1.16 9.52
N TRP B 148 -29.95 1.43 8.75
CA TRP B 148 -29.63 2.80 8.35
C TRP B 148 -30.59 3.40 7.35
N LEU B 149 -31.28 2.57 6.59
CA LEU B 149 -32.23 3.09 5.61
C LEU B 149 -33.49 3.63 6.26
N LYS B 150 -34.04 4.69 5.67
CA LYS B 150 -35.38 5.14 5.99
C LYS B 150 -36.39 4.12 5.48
N PRO B 151 -37.61 4.12 6.05
CA PRO B 151 -38.67 3.30 5.45
C PRO B 151 -38.85 3.70 3.99
N ASN B 152 -39.03 2.70 3.12
CA ASN B 152 -39.06 2.86 1.67
C ASN B 152 -37.73 3.22 1.03
N GLY B 153 -36.68 3.32 1.85
CA GLY B 153 -35.35 3.60 1.31
C GLY B 153 -34.80 2.45 0.45
N ILE B 154 -33.87 2.78 -0.45
CA ILE B 154 -33.36 1.83 -1.45
C ILE B 154 -31.90 1.45 -1.21
N LEU B 155 -31.57 0.17 -1.36
CA LEU B 155 -30.20 -0.29 -1.41
C LEU B 155 -29.91 -0.60 -2.89
N LEU B 156 -28.84 -0.03 -3.42
CA LEU B 156 -28.50 -0.21 -4.84
C LEU B 156 -27.01 -0.53 -4.97
N ILE B 157 -26.70 -1.70 -5.51
CA ILE B 157 -25.34 -2.23 -5.50
C ILE B 157 -24.98 -2.82 -6.85
N THR B 158 -23.76 -2.55 -7.31
CA THR B 158 -23.12 -3.48 -8.23
C THR B 158 -21.93 -4.09 -7.53
N ASP B 159 -21.62 -5.34 -7.85
CA ASP B 159 -20.49 -6.01 -7.21
C ASP B 159 -20.01 -7.17 -8.06
N TYR B 160 -18.72 -7.46 -7.97
CA TYR B 160 -18.18 -8.66 -8.62
C TYR B 160 -18.72 -9.89 -7.92
N CYS B 161 -19.08 -10.90 -8.72
CA CYS B 161 -19.56 -12.19 -8.22
C CYS B 161 -18.81 -13.30 -8.96
N ALA B 162 -19.02 -14.54 -8.56
CA ALA B 162 -18.30 -15.65 -9.18
C ALA B 162 -19.12 -16.92 -9.25
N ASP B 163 -18.68 -17.84 -10.09
CA ASP B 163 -19.22 -19.19 -10.19
C ASP B 163 -18.79 -20.00 -8.96
N LYS B 164 -19.33 -21.21 -8.82
CA LYS B 164 -18.93 -22.12 -7.75
C LYS B 164 -17.45 -22.46 -7.84
N ILE B 165 -16.84 -22.75 -6.68
CA ILE B 165 -15.40 -23.02 -6.56
C ILE B 165 -14.86 -24.11 -7.51
N GLU B 166 -15.67 -25.13 -7.77
CA GLU B 166 -15.22 -26.26 -8.61
C GLU B 166 -14.78 -25.82 -10.01
N ASN B 167 -15.25 -24.66 -10.44
CA ASN B 167 -14.98 -24.15 -11.78
C ASN B 167 -13.87 -23.11 -11.81
N TRP B 168 -13.28 -22.82 -10.65
CA TRP B 168 -12.17 -21.88 -10.58
C TRP B 168 -10.89 -22.58 -11.03
N ASP B 169 -10.06 -21.91 -11.83
CA ASP B 169 -8.74 -22.45 -12.14
C ASP B 169 -7.66 -21.71 -11.38
N GLU B 170 -6.40 -22.09 -11.56
CA GLU B 170 -5.34 -21.51 -10.74
C GLU B 170 -5.13 -20.02 -10.99
N GLU B 171 -5.22 -19.60 -12.24
CA GLU B 171 -5.10 -18.19 -12.58
C GLU B 171 -6.17 -17.34 -11.85
N PHE B 172 -7.41 -17.82 -11.83
CA PHE B 172 -8.48 -17.09 -11.15
C PHE B 172 -8.28 -17.06 -9.64
N LYS B 173 -7.85 -18.19 -9.08
CA LYS B 173 -7.53 -18.25 -7.65
C LYS B 173 -6.43 -17.26 -7.29
N ALA B 174 -5.43 -17.13 -8.16
CA ALA B 174 -4.32 -16.21 -7.93
C ALA B 174 -4.79 -14.76 -7.95
N TYR B 175 -5.71 -14.45 -8.85
CA TYR B 175 -6.32 -13.12 -8.94
C TYR B 175 -7.07 -12.77 -7.66
N ILE B 176 -7.93 -13.68 -7.23
CA ILE B 176 -8.69 -13.49 -6.02
C ILE B 176 -7.78 -13.29 -4.80
N LYS B 177 -6.72 -14.08 -4.70
CA LYS B 177 -5.77 -13.94 -3.60
C LYS B 177 -5.04 -12.60 -3.66
N LYS B 178 -4.56 -12.24 -4.84
CA LYS B 178 -3.84 -10.98 -5.03
C LYS B 178 -4.72 -9.79 -4.64
N ARG B 179 -6.00 -9.88 -4.98
CA ARG B 179 -6.95 -8.80 -4.74
C ARG B 179 -7.54 -8.83 -3.32
N LYS B 180 -7.42 -9.97 -2.66
CA LYS B 180 -8.06 -10.19 -1.36
C LYS B 180 -9.58 -9.99 -1.45
N TYR B 181 -10.16 -10.47 -2.55
CA TYR B 181 -11.61 -10.42 -2.74
C TYR B 181 -12.26 -11.61 -2.06
N THR B 182 -13.54 -11.44 -1.71
CA THR B 182 -14.40 -12.55 -1.35
C THR B 182 -15.60 -12.48 -2.27
N LEU B 183 -15.72 -13.46 -3.18
CA LEU B 183 -16.78 -13.42 -4.16
C LEU B 183 -17.74 -14.57 -3.89
N MET B 184 -18.99 -14.40 -4.29
CA MET B 184 -20.00 -15.43 -4.14
C MET B 184 -20.94 -15.34 -5.33
N PRO B 185 -21.78 -16.37 -5.53
CA PRO B 185 -22.69 -16.33 -6.67
C PRO B 185 -23.78 -15.29 -6.47
N ILE B 186 -24.37 -14.85 -7.57
CA ILE B 186 -25.40 -13.80 -7.55
C ILE B 186 -26.62 -14.17 -6.73
N GLN B 187 -27.17 -15.38 -6.91
CA GLN B 187 -28.39 -15.67 -6.19
C GLN B 187 -28.13 -15.81 -4.67
N GLU B 188 -26.96 -16.30 -4.29
CA GLU B 188 -26.61 -16.36 -2.87
C GLU B 188 -26.44 -14.97 -2.25
N TYR B 189 -25.89 -14.05 -3.04
CA TYR B 189 -25.75 -12.66 -2.62
C TYR B 189 -27.15 -12.06 -2.41
N GLY B 190 -28.03 -12.29 -3.38
CA GLY B 190 -29.41 -11.85 -3.26
C GLY B 190 -30.12 -12.43 -2.04
N ASP B 191 -29.87 -13.70 -1.76
CA ASP B 191 -30.48 -14.36 -0.61
C ASP B 191 -29.96 -13.77 0.71
N LEU B 192 -28.70 -13.39 0.72
CA LEU B 192 -28.12 -12.76 1.90
C LEU B 192 -28.87 -11.45 2.18
N ILE B 193 -29.10 -10.66 1.14
CA ILE B 193 -29.86 -9.42 1.27
C ILE B 193 -31.28 -9.69 1.75
N LYS B 194 -31.94 -10.67 1.14
CA LYS B 194 -33.29 -11.04 1.57
C LYS B 194 -33.33 -11.43 3.05
N SER B 195 -32.30 -12.14 3.51
CA SER B 195 -32.30 -12.66 4.88
C SER B 195 -32.23 -11.53 5.93
N CYS B 196 -31.85 -10.33 5.48
CA CYS B 196 -31.79 -9.16 6.35
C CYS B 196 -33.09 -8.38 6.36
N LYS B 197 -34.12 -8.97 5.75
CA LYS B 197 -35.51 -8.49 5.72
C LYS B 197 -35.81 -7.53 4.58
N PHE B 198 -34.82 -7.24 3.75
CA PHE B 198 -35.05 -6.41 2.58
C PHE B 198 -36.15 -6.99 1.69
N GLN B 199 -36.94 -6.11 1.09
CA GLN B 199 -38.05 -6.48 0.22
C GLN B 199 -37.82 -5.91 -1.18
N ASN B 200 -38.67 -6.28 -2.12
CA ASN B 200 -38.50 -5.92 -3.53
C ASN B 200 -37.09 -6.20 -4.01
N VAL B 201 -36.53 -7.31 -3.57
CA VAL B 201 -35.14 -7.62 -3.89
C VAL B 201 -34.97 -8.10 -5.33
N GLU B 202 -34.08 -7.43 -6.05
CA GLU B 202 -33.65 -7.87 -7.36
C GLU B 202 -32.18 -8.26 -7.28
N ALA B 203 -31.88 -9.43 -7.81
CA ALA B 203 -30.51 -9.90 -7.90
C ALA B 203 -30.33 -10.39 -9.32
N LYS B 204 -29.67 -9.56 -10.11
CA LYS B 204 -29.58 -9.78 -11.55
C LYS B 204 -28.14 -9.98 -12.01
N ASP B 205 -27.97 -10.88 -12.97
CA ASP B 205 -26.70 -11.06 -13.64
C ASP B 205 -26.62 -10.04 -14.77
N ILE B 206 -25.75 -9.05 -14.62
CA ILE B 206 -25.52 -8.06 -15.68
C ILE B 206 -24.14 -8.24 -16.31
N SER B 207 -23.68 -9.48 -16.38
CA SER B 207 -22.38 -9.76 -16.97
C SER B 207 -22.35 -9.50 -18.46
N ASP B 208 -23.49 -9.56 -19.14
CA ASP B 208 -23.52 -9.23 -20.57
C ASP B 208 -23.13 -7.76 -20.77
N TYR B 209 -23.74 -6.89 -19.99
CA TYR B 209 -23.36 -5.47 -19.99
C TYR B 209 -21.91 -5.27 -19.55
N TRP B 210 -21.50 -6.03 -18.52
CA TRP B 210 -20.13 -5.93 -18.05
C TRP B 210 -19.15 -6.25 -19.16
N LEU B 211 -19.41 -7.31 -19.91
CA LEU B 211 -18.52 -7.69 -21.02
C LEU B 211 -18.45 -6.57 -22.05
N GLU B 212 -19.58 -5.96 -22.36
CA GLU B 212 -19.59 -4.81 -23.28
C GLU B 212 -18.68 -3.69 -22.76
N LEU B 213 -18.79 -3.37 -21.47
CA LEU B 213 -17.94 -2.34 -20.88
C LEU B 213 -16.48 -2.72 -20.94
N LEU B 214 -16.16 -3.96 -20.55
CA LEU B 214 -14.78 -4.47 -20.59
C LEU B 214 -14.19 -4.40 -21.99
N GLN B 215 -14.96 -4.81 -23.00
CA GLN B 215 -14.46 -4.82 -24.38
C GLN B 215 -14.14 -3.42 -24.86
N LEU B 216 -15.04 -2.47 -24.57
CA LEU B 216 -14.84 -1.09 -25.00
C LEU B 216 -13.68 -0.45 -24.23
N GLU B 217 -13.54 -0.79 -22.95
CA GLU B 217 -12.44 -0.28 -22.15
C GLU B 217 -11.10 -0.76 -22.66
N LEU B 218 -11.02 -2.06 -22.97
CA LEU B 218 -9.78 -2.62 -23.48
C LEU B 218 -9.44 -2.06 -24.86
N SER B 219 -10.43 -1.94 -25.75
CA SER B 219 -10.14 -1.47 -27.10
C SER B 219 -9.66 -0.02 -27.07
N LYS B 220 -10.26 0.78 -26.19
CA LYS B 220 -9.85 2.17 -26.07
C LYS B 220 -8.44 2.26 -25.48
N LEU B 221 -8.16 1.43 -24.48
CA LEU B 221 -6.81 1.40 -23.90
C LEU B 221 -5.76 1.14 -24.97
N GLU B 222 -5.99 0.11 -25.78
CA GLU B 222 -5.04 -0.28 -26.81
C GLU B 222 -4.90 0.81 -27.86
N GLU B 223 -6.01 1.48 -28.17
CA GLU B 223 -5.97 2.60 -29.12
C GLU B 223 -5.11 3.73 -28.56
N LYS B 224 -5.12 3.87 -27.24
CA LYS B 224 -4.45 4.96 -26.55
C LYS B 224 -3.14 4.55 -25.89
N LYS B 225 -2.53 3.46 -26.35
CA LYS B 225 -1.32 2.93 -25.73
C LYS B 225 -0.19 3.96 -25.69
N GLU B 226 0.02 4.67 -26.81
CA GLU B 226 1.08 5.65 -26.89
C GLU B 226 0.86 6.81 -25.91
N GLU B 227 -0.39 7.22 -25.76
CA GLU B 227 -0.75 8.25 -24.80
C GLU B 227 -0.51 7.76 -23.38
N PHE B 228 -0.86 6.51 -23.10
CA PHE B 228 -0.63 5.94 -21.78
C PHE B 228 0.86 5.99 -21.45
N LEU B 229 1.69 5.61 -22.42
CA LEU B 229 3.13 5.54 -22.21
C LEU B 229 3.80 6.90 -22.08
N LYS B 230 3.10 7.96 -22.47
CA LYS B 230 3.68 9.29 -22.35
C LYS B 230 3.71 9.75 -20.90
N VAL B 231 2.79 9.25 -20.09
CA VAL B 231 2.70 9.67 -18.70
C VAL B 231 2.88 8.52 -17.72
N TYR B 232 2.57 7.31 -18.15
CA TYR B 232 2.63 6.16 -17.24
C TYR B 232 3.59 5.08 -17.71
N SER B 233 3.87 4.14 -16.82
CA SER B 233 4.81 3.07 -17.13
C SER B 233 4.18 1.99 -18.01
N ILE B 234 5.03 1.27 -18.74
CA ILE B 234 4.60 0.12 -19.52
C ILE B 234 4.22 -1.02 -18.56
N LYS B 235 4.71 -0.92 -17.33
CA LYS B 235 4.32 -1.85 -16.28
C LYS B 235 2.83 -1.71 -15.99
N GLU B 236 2.38 -0.48 -15.83
CA GLU B 236 0.96 -0.23 -15.62
C GLU B 236 0.20 -0.59 -16.89
N TYR B 237 0.82 -0.37 -18.06
CA TYR B 237 0.15 -0.68 -19.32
C TYR B 237 -0.16 -2.16 -19.43
N ASN B 238 0.87 -2.99 -19.40
CA ASN B 238 0.66 -4.43 -19.56
C ASN B 238 -0.12 -5.05 -18.40
N SER B 239 0.05 -4.52 -17.19
CA SER B 239 -0.75 -4.98 -16.06
C SER B 239 -2.23 -4.68 -16.28
N LEU B 240 -2.52 -3.47 -16.73
CA LEU B 240 -3.89 -3.10 -17.09
C LEU B 240 -4.44 -3.99 -18.17
N LYS B 241 -3.71 -4.08 -19.28
CA LYS B 241 -4.17 -4.82 -20.43
C LYS B 241 -4.39 -6.29 -20.10
N ASP B 242 -3.43 -6.88 -19.40
CA ASP B 242 -3.54 -8.30 -19.08
C ASP B 242 -4.71 -8.54 -18.12
N GLY B 243 -4.95 -7.58 -17.23
CA GLY B 243 -6.05 -7.70 -16.28
C GLY B 243 -7.40 -7.66 -16.97
N TRP B 244 -7.55 -6.79 -17.97
CA TRP B 244 -8.80 -6.74 -18.72
C TRP B 244 -8.94 -7.97 -19.59
N THR B 245 -7.85 -8.41 -20.21
CA THR B 245 -7.88 -9.63 -21.02
C THR B 245 -8.40 -10.79 -20.19
N ARG B 246 -7.94 -10.91 -18.95
CA ARG B 246 -8.39 -12.04 -18.13
C ARG B 246 -9.84 -11.89 -17.67
N LYS B 247 -10.27 -10.68 -17.34
CA LYS B 247 -11.67 -10.47 -16.96
C LYS B 247 -12.58 -10.81 -18.12
N ILE B 248 -12.20 -10.40 -19.33
CA ILE B 248 -13.00 -10.72 -20.52
C ILE B 248 -13.07 -12.24 -20.73
N LYS B 249 -11.92 -12.89 -20.67
CA LYS B 249 -11.86 -14.36 -20.78
C LYS B 249 -12.71 -15.04 -19.71
N ASP B 250 -12.59 -14.58 -18.47
CA ASP B 250 -13.26 -15.26 -17.37
C ASP B 250 -14.75 -14.97 -17.26
N THR B 251 -15.22 -13.83 -17.76
CA THR B 251 -16.66 -13.62 -17.83
C THR B 251 -17.27 -14.39 -19.01
N LYS B 252 -16.52 -14.59 -20.07
CA LYS B 252 -17.03 -15.36 -21.20
C LYS B 252 -17.29 -16.82 -20.84
N ARG B 253 -16.59 -17.33 -19.84
CA ARG B 253 -16.85 -18.71 -19.39
C ARG B 253 -17.59 -18.74 -18.06
N ASP B 254 -18.23 -17.63 -17.73
CA ASP B 254 -19.13 -17.50 -16.58
C ASP B 254 -18.46 -17.67 -15.22
N LEU B 255 -17.15 -17.47 -15.17
CA LEU B 255 -16.41 -17.62 -13.93
C LEU B 255 -16.45 -16.34 -13.08
N GLN B 256 -16.15 -15.21 -13.70
CA GLN B 256 -16.27 -13.92 -13.02
C GLN B 256 -17.50 -13.23 -13.57
N LYS B 257 -18.36 -12.74 -12.66
N LYS B 257 -18.37 -12.75 -12.68
CA LYS B 257 -19.64 -12.17 -13.03
CA LYS B 257 -19.65 -12.18 -13.08
C LYS B 257 -19.84 -10.78 -12.46
C LYS B 257 -19.84 -10.80 -12.47
N TRP B 258 -20.75 -10.03 -13.06
CA TRP B 258 -21.12 -8.73 -12.50
C TRP B 258 -22.56 -8.82 -12.03
N GLY B 259 -22.79 -8.54 -10.75
CA GLY B 259 -24.12 -8.60 -10.17
C GLY B 259 -24.69 -7.24 -9.91
N TYR B 260 -26.00 -7.11 -10.15
CA TYR B 260 -26.77 -5.92 -9.85
C TYR B 260 -27.74 -6.30 -8.76
N PHE B 261 -27.80 -5.50 -7.70
CA PHE B 261 -28.73 -5.78 -6.60
C PHE B 261 -29.46 -4.52 -6.20
N LYS B 262 -30.76 -4.64 -6.04
CA LYS B 262 -31.55 -3.51 -5.59
C LYS B 262 -32.57 -4.05 -4.61
N ALA B 263 -32.83 -3.30 -3.55
CA ALA B 263 -33.74 -3.75 -2.53
C ALA B 263 -34.34 -2.56 -1.82
N GLN B 264 -35.41 -2.80 -1.07
CA GLN B 264 -36.10 -1.73 -0.39
C GLN B 264 -36.42 -2.12 1.04
N LYS B 265 -36.27 -1.17 1.96
CA LYS B 265 -36.74 -1.37 3.32
C LYS B 265 -38.24 -1.07 3.37
N MET B 266 -39.06 -2.11 3.59
CA MET B 266 -40.49 -1.94 3.76
C MET B 266 -40.85 -2.43 5.16
N ILE B 267 -41.18 -1.50 6.04
CA ILE B 267 -41.47 -1.87 7.42
C ILE B 267 -42.89 -2.40 7.58
#